data_9B1I
#
_entry.id   9B1I
#
_cell.length_a   1.00
_cell.length_b   1.00
_cell.length_c   1.00
_cell.angle_alpha   90.00
_cell.angle_beta   90.00
_cell.angle_gamma   90.00
#
_symmetry.space_group_name_H-M   'P 1'
#
loop_
_entity.id
_entity.type
_entity.pdbx_description
1 polymer 'Solute carrier family 22 member 12'
2 non-polymer 2-acetamido-2-deoxy-beta-D-glucopyranose
3 non-polymer verinurad
#
_entity_poly.entity_id   1
_entity_poly.type   'polypeptide(L)'
_entity_poly.pdbx_seq_one_letter_code
;FSELLDLVGGLGRFQVLQTMALMVSIMWLCTQSMLENFSAAVPSHRCWAPLLDNSTAVSTSLSPEALLAISIPPGPNQRP
HQCRRFRQPQWQLLDPNATATSWSEADTEPCVDGWVYDRSIFTSTIVAKWNLVCDSHALKPMAQSIYLAGILVGAAACGP
ASDRFGRRLVLTWSYLQMAVMGTAAAFAPAFPVYCLFRFLLAFAVAGVMMNTGTLLMEWTAARARPLVMTLNSLGFSFGH
GLTAAVAYGVRDWTLLQLVVSVPFFLCFLYSWWLPESARWLIIKGKPDQALQELRKVARINGHKEAKNLTIEVLMSSVKE
EVASAKEPRSVLDLFCVPGLRFRTCISTLCWFAFGFTFFGLALDLQALGSNIFLLQMFIGVVDIPAKMGALLLLSHLGRR
PTLAASLLLAGLCILANTLVPHEMGALRSALAVLGLGGVGAAFTCITIYSSELFPTVLRMTAVGLGQMAARGGAILGPLV
RLLGVHGPWLPLLVYGTVPVLSGLAALLLPETQSLPLPDTIQDVQNQAVKKATHGTLGNSVLKSTQF
;
_entity_poly.pdbx_strand_id   A
#
loop_
_chem_comp.id
_chem_comp.type
_chem_comp.name
_chem_comp.formula
A1AIJ non-polymer verinurad 'C20 H16 N2 O2 S'
NAG D-saccharide, beta linking 2-acetamido-2-deoxy-beta-D-glucopyranose 'C8 H15 N O6'
#
# COMPACT_ATOMS: atom_id res chain seq x y z
N PHE A 1 16.94 -28.77 8.46
CA PHE A 1 15.46 -28.78 8.62
C PHE A 1 14.76 -29.32 7.38
N SER A 2 15.35 -29.02 6.22
CA SER A 2 14.68 -29.30 4.94
C SER A 2 14.18 -30.74 4.86
N GLU A 3 14.91 -31.68 5.45
CA GLU A 3 14.54 -33.09 5.31
C GLU A 3 13.11 -33.35 5.73
N LEU A 4 12.61 -32.62 6.74
CA LEU A 4 11.23 -32.85 7.16
C LEU A 4 10.25 -32.51 6.05
N LEU A 5 10.48 -31.40 5.35
CA LEU A 5 9.63 -31.06 4.21
C LEU A 5 9.82 -32.06 3.08
N ASP A 6 11.07 -32.47 2.83
CA ASP A 6 11.32 -33.45 1.78
C ASP A 6 10.60 -34.76 2.08
N LEU A 7 10.39 -35.06 3.36
CA LEU A 7 9.63 -36.24 3.76
C LEU A 7 8.13 -36.01 3.58
N VAL A 8 7.61 -34.92 4.15
CA VAL A 8 6.19 -34.59 4.05
C VAL A 8 5.79 -34.11 2.67
N GLY A 9 6.76 -33.72 1.84
CA GLY A 9 6.47 -33.12 0.56
C GLY A 9 6.47 -31.60 0.64
N GLY A 10 7.40 -30.95 -0.04
CA GLY A 10 7.56 -29.53 0.10
C GLY A 10 6.70 -28.67 -0.80
N LEU A 11 6.15 -29.21 -1.89
CA LEU A 11 5.33 -28.43 -2.79
C LEU A 11 4.11 -29.21 -3.26
N GLY A 12 3.44 -29.90 -2.34
CA GLY A 12 2.33 -30.76 -2.68
C GLY A 12 0.99 -30.04 -2.71
N ARG A 13 -0.07 -30.84 -2.70
CA ARG A 13 -1.42 -30.31 -2.72
C ARG A 13 -1.63 -29.26 -1.63
N PHE A 14 -1.17 -29.57 -0.41
CA PHE A 14 -1.34 -28.64 0.70
C PHE A 14 -0.76 -27.27 0.36
N GLN A 15 0.45 -27.23 -0.19
CA GLN A 15 1.08 -25.95 -0.49
C GLN A 15 0.28 -25.17 -1.52
N VAL A 16 -0.24 -25.84 -2.55
CA VAL A 16 -1.03 -25.15 -3.57
C VAL A 16 -2.27 -24.52 -2.93
N LEU A 17 -2.98 -25.31 -2.12
CA LEU A 17 -4.20 -24.80 -1.50
C LEU A 17 -3.89 -23.59 -0.60
N GLN A 18 -2.86 -23.72 0.23
CA GLN A 18 -2.51 -22.63 1.14
C GLN A 18 -2.09 -21.38 0.38
N THR A 19 -1.32 -21.57 -0.70
CA THR A 19 -0.91 -20.43 -1.50
C THR A 19 -2.11 -19.69 -2.06
N MET A 20 -3.08 -20.44 -2.60
CA MET A 20 -4.27 -19.78 -3.16
C MET A 20 -5.00 -18.99 -2.07
N ALA A 21 -5.19 -19.60 -0.91
CA ALA A 21 -5.94 -18.91 0.14
C ALA A 21 -5.23 -17.63 0.59
N LEU A 22 -3.91 -17.70 0.82
CA LEU A 22 -3.21 -16.52 1.31
C LEU A 22 -3.11 -15.45 0.23
N MET A 23 -3.01 -15.86 -1.03
CA MET A 23 -3.05 -14.88 -2.12
C MET A 23 -4.38 -14.15 -2.14
N VAL A 24 -5.49 -14.86 -1.92
CA VAL A 24 -6.79 -14.19 -1.86
C VAL A 24 -6.81 -13.18 -0.72
N SER A 25 -6.29 -13.58 0.44
CA SER A 25 -6.25 -12.64 1.56
C SER A 25 -5.45 -11.40 1.20
N ILE A 26 -4.34 -11.56 0.48
CA ILE A 26 -3.55 -10.40 0.08
C ILE A 26 -4.30 -9.55 -0.94
N MET A 27 -5.09 -10.17 -1.83
CA MET A 27 -5.91 -9.38 -2.74
C MET A 27 -6.77 -8.40 -1.96
N TRP A 28 -7.50 -8.93 -0.97
CA TRP A 28 -8.37 -8.03 -0.20
C TRP A 28 -7.57 -7.03 0.61
N LEU A 29 -6.38 -7.41 1.08
CA LEU A 29 -5.52 -6.44 1.75
C LEU A 29 -5.20 -5.27 0.83
N CYS A 30 -4.82 -5.57 -0.42
CA CYS A 30 -4.50 -4.51 -1.36
C CYS A 30 -5.70 -3.62 -1.62
N THR A 31 -6.90 -4.21 -1.70
CA THR A 31 -8.08 -3.37 -1.82
C THR A 31 -8.18 -2.42 -0.64
N GLN A 32 -7.90 -2.92 0.57
CA GLN A 32 -7.95 -2.05 1.74
C GLN A 32 -6.97 -0.90 1.63
N SER A 33 -5.74 -1.18 1.17
CA SER A 33 -4.72 -0.12 1.11
C SER A 33 -5.03 0.89 0.01
N MET A 34 -5.56 0.44 -1.13
CA MET A 34 -5.84 1.34 -2.24
C MET A 34 -7.08 2.19 -2.02
N LEU A 35 -7.91 1.86 -1.04
CA LEU A 35 -9.25 2.43 -0.97
C LEU A 35 -9.22 3.95 -0.88
N GLU A 36 -8.19 4.53 -0.26
CA GLU A 36 -8.18 5.97 -0.02
C GLU A 36 -8.13 6.78 -1.32
N ASN A 37 -7.82 6.15 -2.46
CA ASN A 37 -8.02 6.84 -3.73
C ASN A 37 -9.50 7.11 -3.98
N PHE A 38 -10.36 6.14 -3.68
CA PHE A 38 -11.78 6.24 -3.95
C PHE A 38 -12.62 6.64 -2.75
N SER A 39 -12.20 6.27 -1.53
CA SER A 39 -12.96 6.68 -0.35
C SER A 39 -12.81 8.16 -0.04
N ALA A 40 -11.66 8.74 -0.40
CA ALA A 40 -11.36 10.14 -0.08
C ALA A 40 -11.12 10.98 -1.32
N ALA A 41 -11.75 10.63 -2.43
CA ALA A 41 -11.62 11.43 -3.65
C ALA A 41 -12.15 12.83 -3.39
N VAL A 42 -11.47 13.83 -3.94
CA VAL A 42 -11.87 15.23 -3.76
C VAL A 42 -12.80 15.65 -4.89
N PRO A 43 -14.11 15.69 -4.69
CA PRO A 43 -14.99 16.25 -5.72
C PRO A 43 -14.80 17.76 -5.83
N SER A 44 -15.06 18.28 -7.02
CA SER A 44 -15.01 19.73 -7.20
C SER A 44 -16.03 20.41 -6.29
N HIS A 45 -15.70 21.62 -5.83
CA HIS A 45 -16.48 22.25 -4.78
C HIS A 45 -16.43 23.77 -4.91
N ARG A 46 -17.38 24.42 -4.24
CA ARG A 46 -17.46 25.88 -4.17
C ARG A 46 -18.19 26.25 -2.88
N CYS A 47 -18.11 27.53 -2.51
CA CYS A 47 -18.87 27.99 -1.35
C CYS A 47 -20.36 27.93 -1.63
N TRP A 48 -21.13 27.67 -0.58
CA TRP A 48 -22.58 27.83 -0.65
C TRP A 48 -22.90 29.32 -0.81
N ALA A 49 -23.86 29.64 -1.68
CA ALA A 49 -24.26 31.02 -1.92
C ALA A 49 -25.78 31.14 -1.96
N PRO A 50 -26.35 32.22 -1.40
CA PRO A 50 -27.81 32.33 -1.37
C PRO A 50 -28.48 32.25 -2.74
N LEU A 51 -27.90 32.88 -3.76
CA LEU A 51 -28.53 32.86 -5.07
C LEU A 51 -28.45 31.49 -5.73
N LEU A 52 -27.38 30.74 -5.46
CA LEU A 52 -27.14 29.50 -6.20
C LEU A 52 -27.86 28.32 -5.57
N ASP A 53 -27.95 28.27 -4.24
CA ASP A 53 -28.32 27.05 -3.55
C ASP A 53 -29.68 27.08 -2.86
N ASN A 54 -30.23 28.26 -2.56
CA ASN A 54 -31.56 28.34 -1.96
C ASN A 54 -32.60 28.20 -3.07
N SER A 55 -32.99 26.97 -3.34
CA SER A 55 -33.91 26.71 -4.44
C SER A 55 -35.26 27.39 -4.26
N THR A 56 -35.62 27.73 -3.02
CA THR A 56 -36.88 28.42 -2.75
C THR A 56 -36.78 29.93 -3.03
N ALA A 57 -35.58 30.45 -3.26
CA ALA A 57 -35.42 31.86 -3.55
C ALA A 57 -35.89 32.17 -4.97
N VAL A 58 -35.87 33.46 -5.31
CA VAL A 58 -36.38 33.91 -6.61
C VAL A 58 -35.53 33.35 -7.73
N SER A 59 -36.16 32.62 -8.65
CA SER A 59 -35.51 32.23 -9.89
C SER A 59 -35.57 33.38 -10.90
N THR A 60 -34.66 33.35 -11.88
CA THR A 60 -34.53 34.42 -12.84
C THR A 60 -34.25 33.82 -14.22
N SER A 61 -34.35 34.68 -15.24
CA SER A 61 -34.01 34.29 -16.61
C SER A 61 -32.52 34.00 -16.77
N LEU A 62 -31.69 34.44 -15.84
CA LEU A 62 -30.27 34.15 -15.92
C LEU A 62 -30.01 32.66 -15.72
N SER A 63 -29.13 32.11 -16.56
CA SER A 63 -28.79 30.70 -16.47
C SER A 63 -27.81 30.45 -15.33
N PRO A 64 -27.65 29.20 -14.92
CA PRO A 64 -26.72 28.91 -13.80
C PRO A 64 -25.31 29.40 -14.04
N GLU A 65 -24.83 29.45 -15.28
CA GLU A 65 -23.47 29.91 -15.52
C GLU A 65 -23.30 31.38 -15.14
N ALA A 66 -24.24 32.23 -15.57
CA ALA A 66 -24.15 33.66 -15.28
C ALA A 66 -24.29 33.91 -13.78
N LEU A 67 -25.21 33.19 -13.13
CA LEU A 67 -25.34 33.33 -11.68
C LEU A 67 -24.08 32.88 -10.96
N LEU A 68 -23.46 31.80 -11.43
CA LEU A 68 -22.21 31.35 -10.84
C LEU A 68 -21.15 32.42 -10.93
N ALA A 69 -21.03 33.04 -12.12
CA ALA A 69 -20.08 34.14 -12.27
C ALA A 69 -20.45 35.31 -11.36
N ILE A 70 -21.75 35.56 -11.17
CA ILE A 70 -22.20 36.65 -10.31
C ILE A 70 -21.90 36.37 -8.84
N SER A 71 -21.70 35.10 -8.47
CA SER A 71 -21.54 34.73 -7.07
C SER A 71 -20.09 34.47 -6.65
N ILE A 72 -19.25 33.91 -7.51
CA ILE A 72 -17.95 33.40 -7.08
C ILE A 72 -16.82 33.94 -7.96
N PRO A 73 -15.71 34.39 -7.38
CA PRO A 73 -14.61 34.91 -8.19
C PRO A 73 -13.81 33.80 -8.83
N PRO A 74 -13.04 34.11 -9.88
CA PRO A 74 -12.18 33.07 -10.49
C PRO A 74 -10.97 32.73 -9.64
N GLY A 75 -10.59 31.45 -9.67
CA GLY A 75 -9.42 30.99 -8.95
C GLY A 75 -8.19 30.85 -9.82
N PRO A 76 -7.05 30.49 -9.20
CA PRO A 76 -5.80 30.38 -9.98
C PRO A 76 -5.85 29.34 -11.09
N ASN A 77 -6.67 28.29 -10.95
CA ASN A 77 -6.64 27.18 -11.89
C ASN A 77 -7.52 27.46 -13.10
N GLN A 78 -7.76 28.74 -13.38
CA GLN A 78 -8.66 29.14 -14.46
C GLN A 78 -10.03 28.50 -14.29
N ARG A 79 -10.46 28.41 -13.03
CA ARG A 79 -11.73 27.82 -12.63
C ARG A 79 -12.27 28.58 -11.45
N PRO A 80 -13.54 28.38 -11.10
CA PRO A 80 -14.12 29.09 -9.94
C PRO A 80 -13.28 28.91 -8.68
N HIS A 81 -13.13 30.00 -7.92
CA HIS A 81 -12.40 29.93 -6.67
C HIS A 81 -13.05 28.90 -5.74
N GLN A 82 -12.22 28.03 -5.15
CA GLN A 82 -12.72 26.87 -4.41
C GLN A 82 -12.88 27.14 -2.92
N CYS A 83 -12.61 28.34 -2.42
CA CYS A 83 -12.65 28.58 -0.98
C CYS A 83 -13.22 29.92 -0.55
N ARG A 84 -13.52 30.84 -1.48
CA ARG A 84 -14.09 32.12 -1.10
C ARG A 84 -15.18 32.53 -2.08
N ARG A 85 -16.04 33.44 -1.64
CA ARG A 85 -17.18 33.92 -2.41
C ARG A 85 -17.28 35.43 -2.28
N PHE A 86 -18.04 36.04 -3.19
CA PHE A 86 -18.31 37.47 -3.11
C PHE A 86 -19.18 37.78 -1.92
N ARG A 87 -18.85 38.87 -1.20
CA ARG A 87 -19.63 39.25 -0.03
C ARG A 87 -21.05 39.62 -0.42
N GLN A 88 -21.21 40.38 -1.50
CA GLN A 88 -22.51 40.73 -2.03
C GLN A 88 -22.55 40.39 -3.52
N PRO A 89 -23.70 39.98 -4.05
CA PRO A 89 -23.76 39.58 -5.45
C PRO A 89 -23.20 40.64 -6.38
N GLN A 90 -22.36 40.22 -7.32
CA GLN A 90 -21.74 41.13 -8.28
C GLN A 90 -22.58 41.19 -9.57
N TRP A 91 -23.71 41.89 -9.47
CA TRP A 91 -24.54 42.10 -10.65
C TRP A 91 -23.78 42.81 -11.75
N GLN A 92 -22.78 43.63 -11.38
CA GLN A 92 -22.00 44.34 -12.38
C GLN A 92 -21.16 43.42 -13.25
N LEU A 93 -20.98 42.16 -12.84
CA LEU A 93 -20.21 41.20 -13.62
C LEU A 93 -21.05 40.50 -14.68
N LEU A 94 -22.33 40.83 -14.80
CA LEU A 94 -23.17 40.21 -15.83
C LEU A 94 -22.73 40.63 -17.22
N ASP A 95 -22.32 41.89 -17.40
CA ASP A 95 -21.96 42.39 -18.71
C ASP A 95 -20.61 41.82 -19.17
N PRO A 96 -20.42 41.67 -20.48
CA PRO A 96 -19.06 41.45 -21.00
C PRO A 96 -18.16 42.67 -20.86
N ASN A 97 -18.75 43.84 -20.62
CA ASN A 97 -17.97 45.06 -20.36
C ASN A 97 -17.21 44.99 -19.04
N ALA A 98 -17.56 44.04 -18.17
CA ALA A 98 -16.97 43.97 -16.84
C ALA A 98 -15.51 43.52 -16.89
N THR A 99 -14.80 43.78 -15.81
CA THR A 99 -13.42 43.35 -15.64
C THR A 99 -13.21 42.93 -14.19
N ALA A 100 -12.29 41.98 -14.00
CA ALA A 100 -12.01 41.48 -12.64
C ALA A 100 -11.42 42.56 -11.75
N THR A 101 -10.86 43.64 -12.32
CA THR A 101 -10.33 44.73 -11.52
C THR A 101 -11.40 45.40 -10.68
N SER A 102 -12.67 45.19 -11.01
CA SER A 102 -13.75 45.90 -10.32
C SER A 102 -13.95 45.46 -8.87
N TRP A 103 -13.52 44.25 -8.51
CA TRP A 103 -13.78 43.71 -7.17
C TRP A 103 -12.48 43.61 -6.38
N SER A 104 -12.51 44.09 -5.14
CA SER A 104 -11.40 43.97 -4.20
C SER A 104 -11.51 42.66 -3.44
N GLU A 105 -10.36 42.15 -2.98
CA GLU A 105 -10.38 40.96 -2.13
C GLU A 105 -11.17 41.22 -0.85
N ALA A 106 -11.24 42.48 -0.42
CA ALA A 106 -12.08 42.81 0.72
C ALA A 106 -13.55 42.51 0.44
N ASP A 107 -13.94 42.47 -0.84
CA ASP A 107 -15.30 42.13 -1.23
C ASP A 107 -15.57 40.64 -1.22
N THR A 108 -14.60 39.82 -0.83
CA THR A 108 -14.71 38.37 -0.82
C THR A 108 -14.55 37.86 0.62
N GLU A 109 -15.19 36.75 0.91
CA GLU A 109 -15.17 36.13 2.23
C GLU A 109 -15.06 34.62 2.09
N PRO A 110 -14.54 33.95 3.11
CA PRO A 110 -14.52 32.48 3.09
C PRO A 110 -15.93 31.92 3.27
N CYS A 111 -16.08 30.62 3.02
CA CYS A 111 -17.39 29.98 3.02
C CYS A 111 -17.92 29.91 4.45
N VAL A 112 -18.52 31.02 4.89
CA VAL A 112 -19.19 31.02 6.19
C VAL A 112 -20.27 29.96 6.24
N ASP A 113 -20.97 29.76 5.11
CA ASP A 113 -22.10 28.84 5.03
C ASP A 113 -21.70 27.46 4.55
N GLY A 114 -20.41 27.11 4.56
CA GLY A 114 -20.00 25.78 4.17
C GLY A 114 -19.93 25.61 2.64
N TRP A 115 -19.78 24.36 2.23
CA TRP A 115 -19.39 24.01 0.87
C TRP A 115 -20.46 23.21 0.16
N VAL A 116 -20.46 23.33 -1.17
CA VAL A 116 -21.28 22.51 -2.06
C VAL A 116 -20.34 21.66 -2.91
N TYR A 117 -20.59 20.36 -2.97
CA TYR A 117 -19.73 19.41 -3.65
C TYR A 117 -20.44 18.80 -4.85
N ASP A 118 -19.66 18.42 -5.86
CA ASP A 118 -20.17 17.69 -7.01
C ASP A 118 -20.46 16.24 -6.64
N ARG A 119 -21.67 15.77 -6.97
CA ARG A 119 -22.09 14.41 -6.65
C ARG A 119 -22.16 13.50 -7.87
N SER A 120 -21.72 13.96 -9.05
CA SER A 120 -21.91 13.16 -10.26
C SER A 120 -21.07 11.89 -10.24
N ILE A 121 -19.80 11.99 -9.87
CA ILE A 121 -18.91 10.83 -9.89
C ILE A 121 -19.03 10.01 -8.61
N PHE A 122 -18.82 10.64 -7.46
CA PHE A 122 -18.91 9.97 -6.17
C PHE A 122 -20.09 10.53 -5.39
N THR A 123 -20.93 9.63 -4.87
CA THR A 123 -22.12 10.08 -4.14
C THR A 123 -21.75 10.61 -2.76
N SER A 124 -20.82 9.96 -2.07
CA SER A 124 -20.38 10.42 -0.76
C SER A 124 -18.96 9.97 -0.51
N THR A 125 -18.12 10.88 -0.03
CA THR A 125 -16.73 10.58 0.26
C THR A 125 -16.36 11.26 1.58
N ILE A 126 -15.25 10.80 2.15
CA ILE A 126 -14.78 11.35 3.42
C ILE A 126 -14.62 12.87 3.31
N VAL A 127 -14.02 13.33 2.20
CA VAL A 127 -13.73 14.75 2.05
C VAL A 127 -15.02 15.56 2.14
N ALA A 128 -16.06 15.12 1.41
CA ALA A 128 -17.32 15.85 1.42
C ALA A 128 -18.10 15.68 2.70
N LYS A 129 -17.84 14.62 3.47
CA LYS A 129 -18.60 14.39 4.69
C LYS A 129 -18.03 15.14 5.88
N TRP A 130 -16.70 15.28 5.98
CA TRP A 130 -16.10 16.01 7.09
C TRP A 130 -15.32 17.25 6.64
N ASN A 131 -15.62 17.76 5.44
CA ASN A 131 -15.12 19.06 4.99
C ASN A 131 -13.60 19.17 5.13
N LEU A 132 -12.91 18.19 4.56
CA LEU A 132 -11.46 18.19 4.57
C LEU A 132 -10.90 19.00 3.41
N VAL A 133 -11.31 20.27 3.32
CA VAL A 133 -10.99 21.11 2.16
C VAL A 133 -10.52 22.48 2.63
N CYS A 134 -9.89 23.21 1.71
CA CYS A 134 -9.39 24.55 1.98
C CYS A 134 -8.44 24.57 3.17
N ASP A 135 -8.81 25.24 4.26
CA ASP A 135 -7.94 25.31 5.43
C ASP A 135 -7.57 23.92 5.92
N SER A 136 -8.49 22.98 5.83
CA SER A 136 -8.29 21.62 6.32
C SER A 136 -7.70 20.68 5.27
N HIS A 137 -7.26 21.20 4.11
CA HIS A 137 -6.79 20.33 3.05
C HIS A 137 -5.59 19.48 3.48
N ALA A 138 -4.85 19.92 4.49
CA ALA A 138 -3.74 19.12 4.99
C ALA A 138 -4.19 17.81 5.63
N LEU A 139 -5.45 17.73 6.06
CA LEU A 139 -5.85 16.60 6.89
C LEU A 139 -5.98 15.30 6.09
N LYS A 140 -6.27 15.37 4.79
CA LYS A 140 -6.36 14.13 4.01
C LYS A 140 -5.02 13.40 3.97
N PRO A 141 -3.93 14.02 3.52
CA PRO A 141 -2.63 13.34 3.61
C PRO A 141 -2.25 13.02 5.04
N MET A 142 -2.74 13.78 6.01
CA MET A 142 -2.54 13.42 7.41
C MET A 142 -3.19 12.09 7.72
N ALA A 143 -4.42 11.89 7.25
CA ALA A 143 -5.10 10.61 7.47
C ALA A 143 -4.33 9.47 6.81
N GLN A 144 -3.89 9.66 5.57
CA GLN A 144 -3.14 8.61 4.89
C GLN A 144 -1.83 8.32 5.63
N SER A 145 -1.13 9.36 6.06
CA SER A 145 0.13 9.17 6.78
C SER A 145 -0.08 8.45 8.11
N ILE A 146 -1.16 8.77 8.83
CA ILE A 146 -1.44 8.07 10.07
C ILE A 146 -1.72 6.60 9.79
N TYR A 147 -2.50 6.33 8.75
CA TYR A 147 -2.75 4.94 8.38
C TYR A 147 -1.45 4.20 8.14
N LEU A 148 -0.53 4.81 7.38
CA LEU A 148 0.73 4.13 7.08
C LEU A 148 1.61 3.99 8.33
N ALA A 149 1.56 4.97 9.25
CA ALA A 149 2.36 4.88 10.47
C ALA A 149 1.86 3.74 11.36
N GLY A 150 0.56 3.50 11.34
CA GLY A 150 0.05 2.35 12.06
C GLY A 150 0.69 1.05 11.65
N ILE A 151 1.16 0.96 10.41
CA ILE A 151 1.84 -0.25 9.95
C ILE A 151 3.20 -0.40 10.61
N LEU A 152 3.93 0.71 10.74
CA LEU A 152 5.22 0.66 11.44
C LEU A 152 5.02 0.18 12.86
N VAL A 153 4.04 0.78 13.56
CA VAL A 153 3.77 0.36 14.93
C VAL A 153 3.36 -1.11 14.96
N GLY A 154 2.52 -1.53 14.01
CA GLY A 154 2.03 -2.90 14.01
C GLY A 154 3.13 -3.91 13.80
N ALA A 155 4.09 -3.61 12.93
CA ALA A 155 5.22 -4.52 12.75
C ALA A 155 6.03 -4.61 14.04
N ALA A 156 6.36 -3.45 14.63
CA ALA A 156 7.17 -3.47 15.84
C ALA A 156 6.48 -4.23 16.95
N ALA A 157 5.15 -4.24 16.96
CA ALA A 157 4.42 -5.00 17.97
C ALA A 157 4.31 -6.48 17.62
N CYS A 158 3.98 -6.80 16.36
CA CYS A 158 3.65 -8.17 15.99
C CYS A 158 4.86 -9.08 15.94
N GLY A 159 6.07 -8.54 15.82
CA GLY A 159 7.24 -9.39 15.92
C GLY A 159 7.24 -10.18 17.22
N PRO A 160 7.44 -9.48 18.34
CA PRO A 160 7.43 -10.15 19.65
C PRO A 160 6.16 -10.93 19.93
N ALA A 161 4.98 -10.36 19.60
CA ALA A 161 3.74 -11.06 19.88
C ALA A 161 3.64 -12.35 19.07
N SER A 162 4.06 -12.31 17.81
CA SER A 162 4.04 -13.53 17.02
C SER A 162 4.97 -14.58 17.59
N ASP A 163 6.14 -14.18 18.09
CA ASP A 163 7.03 -15.18 18.70
C ASP A 163 6.44 -15.73 19.99
N ARG A 164 5.74 -14.92 20.78
CA ARG A 164 5.19 -15.42 22.03
C ARG A 164 3.97 -16.31 21.82
N PHE A 165 3.13 -15.98 20.85
CA PHE A 165 1.82 -16.64 20.71
C PHE A 165 1.68 -17.51 19.47
N GLY A 166 2.64 -17.49 18.55
CA GLY A 166 2.55 -18.35 17.38
C GLY A 166 1.96 -17.65 16.17
N ARG A 167 2.35 -18.15 14.99
CA ARG A 167 1.98 -17.49 13.74
C ARG A 167 0.47 -17.55 13.49
N ARG A 168 -0.12 -18.74 13.57
CA ARG A 168 -1.52 -18.87 13.15
C ARG A 168 -2.45 -18.08 14.06
N LEU A 169 -2.20 -18.11 15.37
CA LEU A 169 -3.07 -17.40 16.30
C LEU A 169 -3.04 -15.91 16.05
N VAL A 170 -1.86 -15.35 15.83
CA VAL A 170 -1.74 -13.91 15.59
C VAL A 170 -2.38 -13.56 14.26
N LEU A 171 -2.21 -14.42 13.24
CA LEU A 171 -2.85 -14.15 11.96
C LEU A 171 -4.37 -14.16 12.10
N THR A 172 -4.90 -15.10 12.89
CA THR A 172 -6.34 -15.17 13.11
C THR A 172 -6.85 -13.90 13.76
N TRP A 173 -6.24 -13.50 14.87
CA TRP A 173 -6.71 -12.30 15.54
C TRP A 173 -6.47 -11.07 14.69
N SER A 174 -5.46 -11.09 13.83
CA SER A 174 -5.26 -9.98 12.89
C SER A 174 -6.40 -9.89 11.89
N TYR A 175 -6.86 -11.03 11.37
CA TYR A 175 -8.04 -11.00 10.49
C TYR A 175 -9.24 -10.43 11.25
N LEU A 176 -9.43 -10.89 12.50
CA LEU A 176 -10.60 -10.41 13.23
C LEU A 176 -10.53 -8.91 13.46
N GLN A 177 -9.35 -8.40 13.81
CA GLN A 177 -9.21 -6.96 14.03
C GLN A 177 -9.41 -6.19 12.75
N MET A 178 -8.91 -6.71 11.62
CA MET A 178 -9.19 -6.04 10.36
C MET A 178 -10.69 -5.93 10.15
N ALA A 179 -11.43 -7.03 10.37
CA ALA A 179 -12.87 -6.98 10.19
C ALA A 179 -13.52 -5.95 11.09
N VAL A 180 -13.24 -6.02 12.40
CA VAL A 180 -13.95 -5.17 13.35
C VAL A 180 -13.60 -3.70 13.13
N MET A 181 -12.31 -3.39 12.97
CA MET A 181 -11.92 -2.00 12.77
C MET A 181 -12.44 -1.46 11.44
N GLY A 182 -12.38 -2.26 10.38
CA GLY A 182 -12.86 -1.79 9.09
C GLY A 182 -14.35 -1.49 9.09
N THR A 183 -15.14 -2.40 9.65
CA THR A 183 -16.59 -2.15 9.67
C THR A 183 -16.90 -0.94 10.55
N ALA A 184 -16.13 -0.73 11.62
CA ALA A 184 -16.33 0.47 12.44
C ALA A 184 -15.94 1.72 11.66
N ALA A 185 -14.86 1.65 10.88
CA ALA A 185 -14.44 2.81 10.09
C ALA A 185 -15.53 3.25 9.11
N ALA A 186 -16.37 2.32 8.67
CA ALA A 186 -17.44 2.67 7.74
C ALA A 186 -18.52 3.50 8.42
N PHE A 187 -18.88 3.15 9.65
CA PHE A 187 -19.98 3.81 10.35
C PHE A 187 -19.55 4.95 11.25
N ALA A 188 -18.25 5.26 11.30
CA ALA A 188 -17.76 6.21 12.30
C ALA A 188 -18.40 7.59 12.12
N PRO A 189 -18.66 8.30 13.23
CA PRO A 189 -19.37 9.58 13.14
C PRO A 189 -18.53 10.79 12.80
N ALA A 190 -17.27 10.82 13.25
CA ALA A 190 -16.48 12.04 13.20
C ALA A 190 -15.04 11.71 12.81
N PHE A 191 -14.37 12.72 12.25
CA PHE A 191 -13.05 12.51 11.67
C PHE A 191 -12.03 11.96 12.65
N PRO A 192 -11.93 12.44 13.89
CA PRO A 192 -10.97 11.82 14.81
C PRO A 192 -11.20 10.33 14.98
N VAL A 193 -12.47 9.91 15.00
CA VAL A 193 -12.76 8.49 15.14
C VAL A 193 -12.33 7.73 13.89
N TYR A 194 -12.50 8.34 12.72
CA TYR A 194 -12.04 7.70 11.50
C TYR A 194 -10.53 7.53 11.51
N CYS A 195 -9.80 8.55 11.95
CA CYS A 195 -8.35 8.40 12.05
C CYS A 195 -7.98 7.28 13.01
N LEU A 196 -8.64 7.22 14.17
CA LEU A 196 -8.33 6.18 15.14
C LEU A 196 -8.57 4.79 14.55
N PHE A 197 -9.71 4.61 13.90
CA PHE A 197 -10.03 3.29 13.37
C PHE A 197 -9.11 2.90 12.22
N ARG A 198 -8.74 3.85 11.36
CA ARG A 198 -7.76 3.53 10.32
C ARG A 198 -6.42 3.14 10.93
N PHE A 199 -6.02 3.81 12.02
CA PHE A 199 -4.77 3.46 12.68
C PHE A 199 -4.80 2.03 13.20
N LEU A 200 -5.90 1.64 13.86
CA LEU A 200 -5.98 0.27 14.35
C LEU A 200 -6.04 -0.73 13.20
N LEU A 201 -6.70 -0.37 12.11
CA LEU A 201 -6.70 -1.25 10.94
C LEU A 201 -5.30 -1.46 10.41
N ALA A 202 -4.48 -0.40 10.38
CA ALA A 202 -3.09 -0.56 9.98
C ALA A 202 -2.35 -1.48 10.94
N PHE A 203 -2.62 -1.34 12.24
CA PHE A 203 -2.01 -2.23 13.22
C PHE A 203 -2.31 -3.69 12.88
N ALA A 204 -3.52 -3.97 12.40
CA ALA A 204 -3.85 -5.34 11.98
C ALA A 204 -3.13 -5.72 10.69
N VAL A 205 -3.09 -4.81 9.72
CA VAL A 205 -2.53 -5.13 8.40
C VAL A 205 -1.07 -5.53 8.52
N ALA A 206 -0.31 -4.85 9.39
CA ALA A 206 1.11 -5.20 9.51
C ALA A 206 1.27 -6.66 9.93
N GLY A 207 0.46 -7.10 10.89
CA GLY A 207 0.52 -8.49 11.31
C GLY A 207 0.13 -9.43 10.18
N VAL A 208 -0.92 -9.09 9.43
CA VAL A 208 -1.31 -9.97 8.34
C VAL A 208 -0.14 -10.18 7.40
N MET A 209 0.52 -9.09 6.99
CA MET A 209 1.59 -9.22 6.01
C MET A 209 2.75 -10.04 6.57
N MET A 210 3.25 -9.68 7.76
CA MET A 210 4.43 -10.36 8.27
C MET A 210 4.16 -11.84 8.51
N ASN A 211 3.02 -12.18 9.12
CA ASN A 211 2.76 -13.57 9.42
C ASN A 211 2.45 -14.37 8.15
N THR A 212 1.79 -13.76 7.15
CA THR A 212 1.62 -14.46 5.89
C THR A 212 2.98 -14.79 5.27
N GLY A 213 3.88 -13.81 5.22
CA GLY A 213 5.20 -14.08 4.69
C GLY A 213 5.90 -15.22 5.43
N THR A 214 5.87 -15.16 6.77
CA THR A 214 6.55 -16.20 7.54
C THR A 214 5.93 -17.57 7.30
N LEU A 215 4.60 -17.63 7.24
CA LEU A 215 3.94 -18.92 7.11
C LEU A 215 4.21 -19.55 5.75
N LEU A 216 4.18 -18.75 4.69
CA LEU A 216 4.46 -19.31 3.36
C LEU A 216 5.87 -19.86 3.27
N MET A 217 6.87 -19.09 3.75
CA MET A 217 8.25 -19.49 3.59
C MET A 217 8.58 -20.75 4.36
N GLU A 218 7.96 -20.95 5.53
CA GLU A 218 8.29 -22.10 6.35
C GLU A 218 7.91 -23.41 5.66
N TRP A 219 6.74 -23.46 5.03
CA TRP A 219 6.24 -24.69 4.45
C TRP A 219 6.67 -24.90 3.00
N THR A 220 7.49 -24.01 2.43
CA THR A 220 7.86 -24.06 1.03
C THR A 220 9.30 -24.55 0.87
N ALA A 221 9.51 -25.45 -0.09
CA ALA A 221 10.85 -25.94 -0.38
C ALA A 221 11.74 -24.80 -0.88
N ALA A 222 13.04 -24.96 -0.69
CA ALA A 222 13.97 -23.86 -0.91
C ALA A 222 13.94 -23.36 -2.34
N ARG A 223 13.97 -24.27 -3.32
CA ARG A 223 14.10 -23.83 -4.72
C ARG A 223 12.85 -23.12 -5.22
N ALA A 224 11.68 -23.50 -4.71
CA ALA A 224 10.42 -22.85 -5.10
C ALA A 224 10.16 -21.58 -4.33
N ARG A 225 10.94 -21.29 -3.28
CA ARG A 225 10.66 -20.15 -2.41
C ARG A 225 10.54 -18.82 -3.16
N PRO A 226 11.46 -18.45 -4.06
CA PRO A 226 11.30 -17.18 -4.78
C PRO A 226 10.00 -17.12 -5.56
N LEU A 227 9.58 -18.24 -6.16
CA LEU A 227 8.34 -18.25 -6.92
C LEU A 227 7.13 -18.00 -6.01
N VAL A 228 7.15 -18.58 -4.80
CA VAL A 228 6.04 -18.35 -3.87
C VAL A 228 6.01 -16.89 -3.44
N MET A 229 7.17 -16.30 -3.16
CA MET A 229 7.18 -14.87 -2.82
C MET A 229 6.68 -14.04 -3.99
N THR A 230 7.02 -14.41 -5.22
CA THR A 230 6.55 -13.68 -6.39
C THR A 230 5.02 -13.77 -6.51
N LEU A 231 4.45 -14.95 -6.25
CA LEU A 231 3.00 -15.07 -6.26
C LEU A 231 2.35 -14.21 -5.18
N ASN A 232 2.96 -14.19 -3.99
CA ASN A 232 2.45 -13.31 -2.93
C ASN A 232 2.46 -11.86 -3.38
N SER A 233 3.48 -11.47 -4.17
CA SER A 233 3.53 -10.11 -4.69
C SER A 233 2.51 -9.88 -5.81
N LEU A 234 2.21 -10.92 -6.60
CA LEU A 234 1.19 -10.80 -7.65
C LEU A 234 -0.20 -10.70 -7.06
N GLY A 235 -0.38 -11.15 -5.83
CA GLY A 235 -1.65 -10.94 -5.17
C GLY A 235 -2.04 -9.48 -5.14
N PHE A 236 -1.07 -8.59 -4.90
CA PHE A 236 -1.34 -7.17 -4.92
C PHE A 236 -1.69 -6.68 -6.33
N SER A 237 -1.02 -7.24 -7.34
CA SER A 237 -1.34 -6.84 -8.70
C SER A 237 -2.79 -7.14 -9.02
N PHE A 238 -3.27 -8.31 -8.59
CA PHE A 238 -4.69 -8.60 -8.74
C PHE A 238 -5.55 -7.71 -7.84
N GLY A 239 -5.02 -7.31 -6.68
CA GLY A 239 -5.79 -6.45 -5.80
C GLY A 239 -6.10 -5.11 -6.42
N HIS A 240 -5.19 -4.59 -7.25
CA HIS A 240 -5.47 -3.35 -7.96
C HIS A 240 -6.71 -3.47 -8.82
N GLY A 241 -6.76 -4.52 -9.65
CA GLY A 241 -7.93 -4.73 -10.49
C GLY A 241 -9.19 -4.95 -9.67
N LEU A 242 -9.08 -5.67 -8.55
CA LEU A 242 -10.24 -5.86 -7.71
C LEU A 242 -10.75 -4.52 -7.17
N THR A 243 -9.83 -3.65 -6.76
CA THR A 243 -10.24 -2.33 -6.28
C THR A 243 -10.97 -1.58 -7.37
N ALA A 244 -10.46 -1.63 -8.60
CA ALA A 244 -11.15 -0.94 -9.70
C ALA A 244 -12.55 -1.50 -9.89
N ALA A 245 -12.67 -2.83 -9.89
CA ALA A 245 -13.97 -3.46 -10.12
C ALA A 245 -14.96 -3.08 -9.03
N VAL A 246 -14.53 -3.07 -7.77
CA VAL A 246 -15.44 -2.73 -6.68
C VAL A 246 -15.82 -1.26 -6.75
N ALA A 247 -14.84 -0.38 -6.92
CA ALA A 247 -15.11 1.05 -6.89
C ALA A 247 -16.02 1.47 -8.04
N TYR A 248 -15.92 0.82 -9.19
CA TYR A 248 -16.78 1.21 -10.31
C TYR A 248 -18.25 0.99 -9.97
N GLY A 249 -18.57 -0.11 -9.31
CA GLY A 249 -19.95 -0.41 -8.98
C GLY A 249 -20.48 0.33 -7.76
N VAL A 250 -19.64 0.54 -6.76
CA VAL A 250 -20.05 1.12 -5.48
C VAL A 250 -19.49 2.53 -5.40
N ARG A 251 -20.36 3.53 -5.31
CA ARG A 251 -19.96 4.94 -5.33
C ARG A 251 -20.10 5.63 -3.98
N ASP A 252 -20.42 4.89 -2.92
CA ASP A 252 -20.69 5.48 -1.61
C ASP A 252 -19.65 4.95 -0.64
N TRP A 253 -18.89 5.86 -0.01
CA TRP A 253 -17.72 5.43 0.76
C TRP A 253 -18.12 4.57 1.96
N THR A 254 -19.27 4.84 2.58
CA THR A 254 -19.73 3.97 3.65
C THR A 254 -19.88 2.54 3.15
N LEU A 255 -20.62 2.37 2.06
CA LEU A 255 -20.86 1.03 1.53
C LEU A 255 -19.58 0.43 0.98
N LEU A 256 -18.72 1.26 0.39
CA LEU A 256 -17.45 0.75 -0.14
C LEU A 256 -16.58 0.18 0.96
N GLN A 257 -16.40 0.95 2.04
CA GLN A 257 -15.59 0.45 3.15
C GLN A 257 -16.20 -0.80 3.74
N LEU A 258 -17.53 -0.80 3.93
CA LEU A 258 -18.17 -1.98 4.49
C LEU A 258 -17.96 -3.19 3.61
N VAL A 259 -18.06 -3.01 2.28
CA VAL A 259 -17.93 -4.11 1.34
C VAL A 259 -16.52 -4.69 1.39
N VAL A 260 -15.50 -3.83 1.40
CA VAL A 260 -14.14 -4.38 1.43
C VAL A 260 -13.77 -4.94 2.80
N SER A 261 -14.47 -4.54 3.86
CA SER A 261 -14.15 -5.07 5.19
C SER A 261 -14.74 -6.46 5.42
N VAL A 262 -15.98 -6.69 4.99
CA VAL A 262 -16.69 -7.92 5.36
C VAL A 262 -15.92 -9.17 4.97
N PRO A 263 -15.30 -9.26 3.78
CA PRO A 263 -14.65 -10.53 3.41
C PRO A 263 -13.64 -11.02 4.43
N PHE A 264 -13.02 -10.12 5.18
CA PHE A 264 -12.04 -10.54 6.18
C PHE A 264 -12.67 -11.38 7.29
N PHE A 265 -13.99 -11.31 7.48
CA PHE A 265 -14.63 -12.25 8.39
C PHE A 265 -14.47 -13.68 7.91
N LEU A 266 -14.59 -13.90 6.60
CA LEU A 266 -14.43 -15.26 6.06
C LEU A 266 -13.02 -15.77 6.29
N CYS A 267 -12.02 -14.89 6.13
CA CYS A 267 -10.64 -15.30 6.42
C CYS A 267 -10.48 -15.73 7.87
N PHE A 268 -11.17 -15.05 8.78
CA PHE A 268 -11.15 -15.47 10.17
C PHE A 268 -11.70 -16.89 10.31
N LEU A 269 -12.69 -17.26 9.50
CA LEU A 269 -13.26 -18.59 9.59
C LEU A 269 -12.29 -19.65 9.08
N TYR A 270 -11.77 -19.48 7.86
CA TYR A 270 -10.99 -20.54 7.27
C TYR A 270 -9.53 -20.55 7.73
N SER A 271 -9.06 -19.51 8.41
CA SER A 271 -7.73 -19.58 9.00
C SER A 271 -7.66 -20.58 10.15
N TRP A 272 -8.80 -20.97 10.72
CA TRP A 272 -8.78 -21.97 11.78
C TRP A 272 -8.38 -23.35 11.28
N TRP A 273 -8.59 -23.65 9.99
CA TRP A 273 -8.24 -24.94 9.44
C TRP A 273 -6.76 -25.04 9.08
N LEU A 274 -6.09 -23.92 8.87
CA LEU A 274 -4.68 -23.96 8.50
C LEU A 274 -3.82 -24.44 9.67
N PRO A 275 -2.71 -25.09 9.38
CA PRO A 275 -1.84 -25.60 10.44
C PRO A 275 -0.91 -24.53 11.01
N GLU A 276 -0.54 -24.73 12.26
CA GLU A 276 0.41 -23.85 12.95
C GLU A 276 1.82 -24.07 12.42
N SER A 277 2.68 -23.06 12.61
CA SER A 277 4.08 -23.18 12.26
C SER A 277 4.73 -24.37 12.96
N ALA A 278 5.23 -25.33 12.19
CA ALA A 278 5.90 -26.48 12.77
C ALA A 278 7.17 -26.06 13.51
N ARG A 279 7.96 -25.19 12.90
CA ARG A 279 9.23 -24.80 13.51
C ARG A 279 9.01 -24.06 14.83
N TRP A 280 7.98 -23.20 14.88
CA TRP A 280 7.68 -22.52 16.14
C TRP A 280 7.35 -23.53 17.23
N LEU A 281 6.48 -24.49 16.92
CA LEU A 281 6.09 -25.48 17.91
C LEU A 281 7.29 -26.29 18.38
N ILE A 282 8.14 -26.71 17.45
CA ILE A 282 9.29 -27.53 17.83
C ILE A 282 10.27 -26.71 18.67
N ILE A 283 10.44 -25.43 18.34
CA ILE A 283 11.23 -24.55 19.18
C ILE A 283 10.62 -24.47 20.58
N LYS A 284 9.29 -24.44 20.66
CA LYS A 284 8.60 -24.50 21.94
C LYS A 284 8.62 -25.90 22.56
N GLY A 285 9.26 -26.87 21.91
CA GLY A 285 9.42 -28.19 22.50
C GLY A 285 8.15 -29.00 22.60
N LYS A 286 7.23 -28.85 21.65
CA LYS A 286 5.97 -29.59 21.68
C LYS A 286 5.88 -30.52 20.47
N PRO A 287 6.61 -31.63 20.48
CA PRO A 287 6.63 -32.50 19.29
C PRO A 287 5.32 -33.22 19.03
N ASP A 288 4.48 -33.44 20.05
CA ASP A 288 3.22 -34.13 19.78
C ASP A 288 2.28 -33.28 18.93
N GLN A 289 2.13 -32.01 19.26
CA GLN A 289 1.27 -31.14 18.46
C GLN A 289 1.86 -30.91 17.08
N ALA A 290 3.17 -30.71 17.01
CA ALA A 290 3.83 -30.52 15.71
C ALA A 290 3.65 -31.76 14.84
N LEU A 291 3.76 -32.93 15.43
CA LEU A 291 3.56 -34.17 14.69
C LEU A 291 2.12 -34.35 14.27
N GLN A 292 1.17 -33.92 15.11
CA GLN A 292 -0.22 -33.94 14.69
C GLN A 292 -0.41 -33.09 13.44
N GLU A 293 0.12 -31.87 13.46
CA GLU A 293 0.00 -30.99 12.30
C GLU A 293 0.70 -31.60 11.09
N LEU A 294 1.87 -32.19 11.30
CA LEU A 294 2.66 -32.73 10.20
C LEU A 294 1.96 -33.92 9.54
N ARG A 295 1.45 -34.85 10.35
CA ARG A 295 0.74 -35.99 9.79
C ARG A 295 -0.59 -35.55 9.16
N LYS A 296 -1.20 -34.48 9.69
CA LYS A 296 -2.37 -33.90 9.03
C LYS A 296 -2.02 -33.40 7.63
N VAL A 297 -0.92 -32.65 7.51
CA VAL A 297 -0.49 -32.19 6.21
C VAL A 297 -0.16 -33.36 5.30
N ALA A 298 0.54 -34.37 5.83
CA ALA A 298 0.89 -35.53 5.03
C ALA A 298 -0.36 -36.26 4.53
N ARG A 299 -1.38 -36.34 5.38
CA ARG A 299 -2.66 -36.90 4.94
C ARG A 299 -3.24 -36.10 3.80
N ILE A 300 -3.14 -34.78 3.87
CA ILE A 300 -3.61 -33.95 2.76
C ILE A 300 -2.83 -34.27 1.49
N ASN A 301 -1.51 -34.45 1.62
CA ASN A 301 -0.69 -34.87 0.50
C ASN A 301 -0.78 -36.36 0.20
N GLY A 302 -1.47 -37.14 1.05
CA GLY A 302 -1.70 -38.55 0.78
C GLY A 302 -0.52 -39.46 1.00
N HIS A 303 0.48 -39.03 1.77
CA HIS A 303 1.69 -39.82 1.95
C HIS A 303 1.47 -40.97 2.94
N LYS A 304 2.34 -41.98 2.85
CA LYS A 304 2.43 -43.04 3.83
C LYS A 304 3.23 -42.65 5.06
N GLU A 305 3.98 -41.54 5.00
CA GLU A 305 5.00 -41.24 6.01
C GLU A 305 4.42 -40.99 7.40
N ALA A 306 3.09 -40.94 7.56
CA ALA A 306 2.52 -40.75 8.89
C ALA A 306 2.94 -41.86 9.85
N LYS A 307 3.34 -43.02 9.33
CA LYS A 307 3.75 -44.16 10.14
C LYS A 307 5.23 -44.16 10.47
N ASN A 308 6.01 -43.21 9.94
CA ASN A 308 7.47 -43.32 9.98
C ASN A 308 8.18 -42.29 10.85
N LEU A 309 7.53 -41.17 11.16
CA LEU A 309 8.20 -40.13 11.93
C LEU A 309 8.37 -40.51 13.40
N THR A 310 9.37 -39.92 14.03
CA THR A 310 9.57 -40.04 15.47
C THR A 310 9.99 -38.68 16.02
N ILE A 311 9.77 -38.49 17.32
CA ILE A 311 10.08 -37.20 17.93
C ILE A 311 11.57 -36.90 17.87
N GLU A 312 12.41 -37.94 17.87
CA GLU A 312 13.86 -37.72 17.92
C GLU A 312 14.36 -37.04 16.66
N VAL A 313 13.93 -37.50 15.48
CA VAL A 313 14.36 -36.85 14.25
C VAL A 313 13.78 -35.44 14.16
N LEU A 314 12.52 -35.28 14.58
CA LEU A 314 11.91 -33.96 14.58
C LEU A 314 12.74 -32.97 15.40
N MET A 315 13.08 -33.34 16.63
CA MET A 315 13.81 -32.45 17.51
C MET A 315 15.25 -32.25 17.02
N SER A 316 15.95 -33.34 16.73
CA SER A 316 17.37 -33.23 16.42
C SER A 316 17.61 -32.42 15.15
N SER A 317 16.80 -32.62 14.12
CA SER A 317 16.98 -31.90 12.87
C SER A 317 16.77 -30.40 13.02
N VAL A 318 16.19 -29.96 14.13
CA VAL A 318 16.02 -28.54 14.43
C VAL A 318 16.97 -28.07 15.53
N LYS A 319 17.84 -28.95 16.02
CA LYS A 319 18.74 -28.59 17.11
C LYS A 319 19.61 -27.40 16.74
N GLU A 320 20.05 -27.32 15.48
CA GLU A 320 20.88 -26.20 15.05
C GLU A 320 20.13 -24.89 15.18
N GLU A 321 18.86 -24.87 14.78
CA GLU A 321 18.05 -23.66 14.93
C GLU A 321 17.93 -23.28 16.40
N VAL A 322 17.62 -24.26 17.25
CA VAL A 322 17.45 -23.99 18.67
C VAL A 322 18.73 -23.41 19.26
N ALA A 323 19.88 -23.94 18.85
CA ALA A 323 21.15 -23.46 19.38
C ALA A 323 21.47 -22.06 18.88
N SER A 324 21.31 -21.82 17.58
CA SER A 324 21.73 -20.54 16.98
C SER A 324 20.79 -19.40 17.35
N ALA A 325 19.50 -19.68 17.55
CA ALA A 325 18.54 -18.61 17.84
C ALA A 325 18.83 -17.89 19.15
N LYS A 326 19.64 -18.48 20.03
CA LYS A 326 19.87 -17.91 21.35
C LYS A 326 20.70 -16.63 21.31
N GLU A 327 21.40 -16.35 20.22
CA GLU A 327 22.40 -15.29 20.23
C GLU A 327 21.76 -13.90 20.22
N PRO A 328 22.43 -12.91 20.84
CA PRO A 328 21.81 -11.60 21.06
C PRO A 328 21.93 -10.65 19.87
N ARG A 329 21.57 -11.10 18.67
CA ARG A 329 21.86 -10.34 17.46
C ARG A 329 20.67 -9.50 17.02
N SER A 330 20.94 -8.22 16.72
CA SER A 330 19.93 -7.26 16.28
C SER A 330 20.61 -6.26 15.34
N VAL A 331 19.90 -5.16 15.06
CA VAL A 331 20.36 -4.20 14.04
C VAL A 331 21.76 -3.68 14.38
N LEU A 332 22.01 -3.37 15.65
CA LEU A 332 23.30 -2.80 16.03
C LEU A 332 24.44 -3.75 15.67
N ASP A 333 24.22 -5.05 15.79
CA ASP A 333 25.25 -6.01 15.40
C ASP A 333 25.54 -5.92 13.91
N LEU A 334 24.49 -5.80 13.10
CA LEU A 334 24.66 -5.75 11.65
C LEU A 334 25.55 -4.59 11.23
N PHE A 335 25.41 -3.44 11.91
CA PHE A 335 26.17 -2.26 11.52
C PHE A 335 27.65 -2.36 11.87
N CYS A 336 28.05 -3.32 12.71
CA CYS A 336 29.44 -3.36 13.17
C CYS A 336 30.39 -3.85 12.08
N VAL A 337 30.00 -4.86 11.31
CA VAL A 337 30.94 -5.57 10.44
C VAL A 337 31.48 -4.65 9.35
N PRO A 338 32.80 -4.53 9.21
CA PRO A 338 33.35 -3.62 8.19
C PRO A 338 32.88 -3.89 6.78
N GLY A 339 32.76 -5.15 6.37
CA GLY A 339 32.38 -5.47 5.01
C GLY A 339 30.91 -5.32 4.71
N LEU A 340 30.06 -5.23 5.74
CA LEU A 340 28.62 -5.18 5.54
C LEU A 340 28.03 -3.78 5.62
N ARG A 341 28.81 -2.79 6.07
CA ARG A 341 28.24 -1.47 6.34
C ARG A 341 27.75 -0.80 5.06
N PHE A 342 28.56 -0.82 4.00
CA PHE A 342 28.17 -0.20 2.74
C PHE A 342 26.95 -0.91 2.15
N ARG A 343 26.96 -2.24 2.17
CA ARG A 343 25.80 -3.00 1.73
C ARG A 343 24.55 -2.57 2.50
N THR A 344 24.67 -2.44 3.82
CA THR A 344 23.53 -2.07 4.64
C THR A 344 23.00 -0.70 4.24
N CYS A 345 23.90 0.28 4.11
CA CYS A 345 23.46 1.61 3.74
C CYS A 345 22.66 1.58 2.44
N ILE A 346 23.22 0.97 1.40
CA ILE A 346 22.54 1.03 0.10
C ILE A 346 21.24 0.22 0.12
N SER A 347 21.24 -0.95 0.74
CA SER A 347 20.02 -1.76 0.80
C SER A 347 18.90 -1.01 1.55
N THR A 348 19.24 -0.40 2.67
CA THR A 348 18.25 0.35 3.42
C THR A 348 17.70 1.50 2.59
N LEU A 349 18.57 2.20 1.87
CA LEU A 349 18.09 3.31 1.04
C LEU A 349 17.23 2.81 -0.10
N CYS A 350 17.48 1.59 -0.61
CA CYS A 350 16.61 1.05 -1.65
C CYS A 350 15.22 0.75 -1.10
N TRP A 351 15.14 0.15 0.10
CA TRP A 351 13.83 -0.06 0.72
C TRP A 351 13.13 1.28 0.96
N PHE A 352 13.89 2.26 1.45
CA PHE A 352 13.34 3.58 1.70
C PHE A 352 12.76 4.19 0.43
N ALA A 353 13.49 4.07 -0.68
CA ALA A 353 12.99 4.58 -1.95
C ALA A 353 11.72 3.86 -2.37
N PHE A 354 11.68 2.54 -2.20
CA PHE A 354 10.47 1.82 -2.59
C PHE A 354 9.25 2.34 -1.83
N GLY A 355 9.33 2.37 -0.50
CA GLY A 355 8.19 2.83 0.26
C GLY A 355 7.81 4.26 -0.08
N PHE A 356 8.80 5.14 -0.08
CA PHE A 356 8.59 6.54 -0.43
C PHE A 356 7.81 6.65 -1.73
N THR A 357 8.34 6.09 -2.81
CA THR A 357 7.76 6.30 -4.13
C THR A 357 6.38 5.65 -4.23
N PHE A 358 6.26 4.39 -3.82
CA PHE A 358 5.00 3.70 -4.05
C PHE A 358 3.88 4.35 -3.27
N PHE A 359 4.07 4.60 -1.98
CA PHE A 359 2.95 5.15 -1.22
C PHE A 359 2.78 6.64 -1.45
N GLY A 360 3.78 7.33 -2.00
CA GLY A 360 3.56 8.66 -2.51
C GLY A 360 2.62 8.70 -3.70
N LEU A 361 2.90 7.86 -4.69
CA LEU A 361 2.20 7.96 -5.97
C LEU A 361 0.87 7.20 -5.98
N ALA A 362 0.85 5.98 -5.47
CA ALA A 362 -0.29 5.09 -5.69
C ALA A 362 -1.56 5.56 -4.99
N LEU A 363 -1.49 6.54 -4.09
CA LEU A 363 -2.63 6.95 -3.29
C LEU A 363 -3.20 8.31 -3.69
N ASP A 364 -2.69 8.93 -4.75
CA ASP A 364 -3.26 10.17 -5.26
C ASP A 364 -3.37 10.11 -6.78
N LEU A 365 -3.85 8.99 -7.30
CA LEU A 365 -3.94 8.80 -8.74
C LEU A 365 -4.72 9.92 -9.42
N GLN A 366 -5.56 10.64 -8.68
CA GLN A 366 -6.36 11.69 -9.29
C GLN A 366 -5.50 12.76 -9.94
N ALA A 367 -4.26 12.93 -9.46
CA ALA A 367 -3.36 13.93 -10.02
C ALA A 367 -2.55 13.43 -11.21
N LEU A 368 -2.42 12.11 -11.39
CA LEU A 368 -1.56 11.56 -12.43
C LEU A 368 -2.27 11.40 -13.77
N GLY A 369 -3.58 11.52 -13.82
CA GLY A 369 -4.31 11.27 -15.04
C GLY A 369 -5.66 11.94 -15.09
N SER A 370 -6.59 11.31 -15.80
CA SER A 370 -7.91 11.89 -16.06
C SER A 370 -9.07 10.99 -15.66
N ASN A 371 -8.86 9.68 -15.49
CA ASN A 371 -9.93 8.76 -15.07
C ASN A 371 -9.29 7.73 -14.16
N ILE A 372 -9.57 7.84 -12.86
CA ILE A 372 -8.87 7.03 -11.87
C ILE A 372 -9.31 5.56 -11.87
N PHE A 373 -10.55 5.26 -12.28
CA PHE A 373 -10.96 3.85 -12.34
C PHE A 373 -10.09 3.08 -13.32
N LEU A 374 -10.01 3.56 -14.55
CA LEU A 374 -9.26 2.87 -15.58
C LEU A 374 -7.78 2.91 -15.26
N LEU A 375 -7.31 4.00 -14.65
CA LEU A 375 -5.92 4.08 -14.25
C LEU A 375 -5.58 3.01 -13.21
N GLN A 376 -6.48 2.78 -12.26
CA GLN A 376 -6.28 1.71 -11.29
C GLN A 376 -6.19 0.35 -11.99
N MET A 377 -7.17 0.05 -12.85
CA MET A 377 -7.16 -1.24 -13.51
C MET A 377 -5.90 -1.42 -14.34
N PHE A 378 -5.45 -0.35 -15.01
CA PHE A 378 -4.26 -0.47 -15.84
C PHE A 378 -3.00 -0.59 -15.00
N ILE A 379 -2.97 -0.01 -13.79
CA ILE A 379 -1.85 -0.29 -12.90
C ILE A 379 -1.78 -1.79 -12.63
N GLY A 380 -2.92 -2.42 -12.36
CA GLY A 380 -2.91 -3.86 -12.20
C GLY A 380 -2.43 -4.60 -13.43
N VAL A 381 -2.97 -4.21 -14.60
CA VAL A 381 -2.68 -4.90 -15.85
C VAL A 381 -1.19 -4.82 -16.17
N VAL A 382 -0.56 -3.67 -15.91
CA VAL A 382 0.86 -3.54 -16.21
C VAL A 382 1.70 -4.19 -15.12
N ASP A 383 1.24 -4.17 -13.86
CA ASP A 383 2.02 -4.76 -12.78
C ASP A 383 2.21 -6.26 -12.98
N ILE A 384 1.17 -6.95 -13.43
CA ILE A 384 1.28 -8.41 -13.58
C ILE A 384 2.48 -8.78 -14.47
N PRO A 385 2.45 -8.43 -15.76
CA PRO A 385 3.57 -8.80 -16.63
C PRO A 385 4.88 -8.19 -16.18
N ALA A 386 4.85 -7.02 -15.56
CA ALA A 386 6.08 -6.41 -15.09
C ALA A 386 6.77 -7.29 -14.05
N LYS A 387 6.00 -7.81 -13.09
CA LYS A 387 6.60 -8.66 -12.06
C LYS A 387 7.04 -10.00 -12.64
N MET A 388 6.23 -10.61 -13.51
CA MET A 388 6.66 -11.89 -14.08
C MET A 388 7.94 -11.72 -14.90
N GLY A 389 7.99 -10.69 -15.74
CA GLY A 389 9.21 -10.40 -16.46
C GLY A 389 10.36 -10.07 -15.53
N ALA A 390 10.07 -9.43 -14.40
CA ALA A 390 11.11 -9.13 -13.43
C ALA A 390 11.75 -10.42 -12.93
N LEU A 391 10.94 -11.43 -12.61
CA LEU A 391 11.51 -12.71 -12.22
C LEU A 391 12.34 -13.31 -13.35
N LEU A 392 11.75 -13.36 -14.56
CA LEU A 392 12.41 -14.02 -15.68
C LEU A 392 13.69 -13.31 -16.12
N LEU A 393 13.82 -12.02 -15.81
CA LEU A 393 15.03 -11.27 -16.11
C LEU A 393 16.02 -11.33 -14.97
N LEU A 394 15.52 -11.35 -13.72
CA LEU A 394 16.39 -11.42 -12.57
C LEU A 394 17.16 -12.72 -12.53
N SER A 395 16.55 -13.82 -12.98
CA SER A 395 17.27 -15.08 -12.97
C SER A 395 18.30 -15.19 -14.09
N HIS A 396 18.43 -14.20 -14.96
CA HIS A 396 19.38 -14.30 -16.06
C HIS A 396 20.44 -13.20 -16.05
N LEU A 397 20.03 -11.94 -15.93
CA LEU A 397 20.98 -10.82 -16.00
C LEU A 397 21.72 -10.57 -14.69
N GLY A 398 21.35 -11.27 -13.62
CA GLY A 398 21.91 -10.98 -12.32
C GLY A 398 21.08 -9.96 -11.56
N ARG A 399 21.24 -9.96 -10.24
CA ARG A 399 20.45 -9.08 -9.40
C ARG A 399 20.81 -7.62 -9.66
N ARG A 400 22.09 -7.33 -9.83
CA ARG A 400 22.54 -5.94 -9.88
C ARG A 400 21.88 -5.17 -11.02
N PRO A 401 22.10 -5.50 -12.30
CA PRO A 401 21.46 -4.72 -13.35
C PRO A 401 19.94 -4.80 -13.32
N THR A 402 19.36 -5.92 -12.90
CA THR A 402 17.90 -6.00 -12.89
C THR A 402 17.31 -4.99 -11.92
N LEU A 403 17.78 -5.00 -10.67
CA LEU A 403 17.27 -4.05 -9.70
C LEU A 403 17.57 -2.62 -10.11
N ALA A 404 18.80 -2.36 -10.55
CA ALA A 404 19.17 -1.00 -10.91
C ALA A 404 18.31 -0.48 -12.05
N ALA A 405 18.11 -1.30 -13.08
CA ALA A 405 17.25 -0.90 -14.19
C ALA A 405 15.83 -0.69 -13.74
N SER A 406 15.31 -1.58 -12.87
CA SER A 406 13.94 -1.41 -12.40
C SER A 406 13.77 -0.04 -11.74
N LEU A 407 14.64 0.27 -10.78
CA LEU A 407 14.49 1.53 -10.06
C LEU A 407 14.71 2.73 -10.98
N LEU A 408 15.76 2.69 -11.81
CA LEU A 408 16.05 3.82 -12.68
C LEU A 408 14.91 4.05 -13.66
N LEU A 409 14.39 3.00 -14.26
CA LEU A 409 13.28 3.14 -15.20
C LEU A 409 12.05 3.69 -14.49
N ALA A 410 11.75 3.20 -13.29
CA ALA A 410 10.59 3.72 -12.56
C ALA A 410 10.75 5.21 -12.29
N GLY A 411 11.93 5.61 -11.80
CA GLY A 411 12.14 7.01 -11.49
C GLY A 411 12.07 7.90 -12.72
N LEU A 412 12.69 7.47 -13.81
CA LEU A 412 12.67 8.26 -15.03
C LEU A 412 11.27 8.32 -15.63
N CYS A 413 10.51 7.23 -15.55
CA CYS A 413 9.12 7.26 -16.02
C CYS A 413 8.32 8.29 -15.22
N ILE A 414 8.48 8.30 -13.90
CA ILE A 414 7.73 9.27 -13.10
C ILE A 414 8.19 10.69 -13.43
N LEU A 415 9.50 10.89 -13.59
CA LEU A 415 9.99 12.23 -13.92
C LEU A 415 9.40 12.72 -15.23
N ALA A 416 9.19 11.82 -16.20
CA ALA A 416 8.60 12.24 -17.46
C ALA A 416 7.24 12.90 -17.28
N ASN A 417 6.50 12.52 -16.24
CA ASN A 417 5.17 13.11 -16.02
C ASN A 417 5.26 14.59 -15.67
N THR A 418 6.43 15.06 -15.22
CA THR A 418 6.61 16.49 -15.01
C THR A 418 6.79 17.24 -16.32
N LEU A 419 7.46 16.61 -17.28
CA LEU A 419 7.87 17.27 -18.52
C LEU A 419 6.78 17.24 -19.59
N VAL A 420 6.01 16.16 -19.67
CA VAL A 420 4.93 16.09 -20.65
C VAL A 420 3.87 17.14 -20.30
N PRO A 421 3.38 17.92 -21.26
CA PRO A 421 2.48 19.03 -20.92
C PRO A 421 1.18 18.55 -20.30
N HIS A 422 0.60 19.39 -19.45
CA HIS A 422 -0.51 18.97 -18.60
C HIS A 422 -1.67 18.42 -19.41
N GLU A 423 -1.97 19.02 -20.57
CA GLU A 423 -3.19 18.67 -21.29
C GLU A 423 -3.15 17.29 -21.92
N MET A 424 -1.97 16.72 -22.16
CA MET A 424 -1.84 15.41 -22.82
C MET A 424 -2.10 14.28 -21.81
N GLY A 425 -3.35 14.21 -21.36
CA GLY A 425 -3.70 13.28 -20.29
C GLY A 425 -3.44 11.83 -20.60
N ALA A 426 -3.65 11.41 -21.86
CA ALA A 426 -3.49 10.01 -22.20
C ALA A 426 -2.05 9.55 -22.00
N LEU A 427 -1.10 10.29 -22.57
CA LEU A 427 0.30 9.92 -22.43
C LEU A 427 0.75 9.98 -20.97
N ARG A 428 0.29 11.01 -20.24
CA ARG A 428 0.63 11.11 -18.83
C ARG A 428 0.13 9.90 -18.05
N SER A 429 -1.10 9.46 -18.31
CA SER A 429 -1.65 8.30 -17.64
C SER A 429 -0.81 7.06 -17.96
N ALA A 430 -0.45 6.89 -19.23
CA ALA A 430 0.36 5.74 -19.62
C ALA A 430 1.69 5.75 -18.87
N LEU A 431 2.34 6.91 -18.82
CA LEU A 431 3.63 7.01 -18.13
C LEU A 431 3.48 6.70 -16.65
N ALA A 432 2.42 7.20 -16.01
CA ALA A 432 2.20 6.90 -14.59
C ALA A 432 2.03 5.41 -14.36
N VAL A 433 1.24 4.75 -15.21
CA VAL A 433 1.06 3.30 -15.07
C VAL A 433 2.40 2.60 -15.17
N LEU A 434 3.20 2.98 -16.18
CA LEU A 434 4.50 2.34 -16.36
C LEU A 434 5.40 2.55 -15.15
N GLY A 435 5.39 3.76 -14.57
CA GLY A 435 6.24 4.03 -13.43
C GLY A 435 5.87 3.16 -12.23
N LEU A 436 4.58 3.08 -11.92
CA LEU A 436 4.19 2.26 -10.78
C LEU A 436 4.48 0.78 -11.04
N GLY A 437 4.31 0.31 -12.27
CA GLY A 437 4.74 -1.05 -12.58
C GLY A 437 6.23 -1.24 -12.32
N GLY A 438 7.04 -0.26 -12.71
CA GLY A 438 8.46 -0.34 -12.43
C GLY A 438 8.75 -0.45 -10.95
N VAL A 439 8.01 0.31 -10.14
CA VAL A 439 8.24 0.23 -8.68
C VAL A 439 7.85 -1.14 -8.15
N GLY A 440 6.79 -1.74 -8.70
CA GLY A 440 6.45 -3.10 -8.28
C GLY A 440 7.55 -4.10 -8.62
N ALA A 441 8.10 -3.98 -9.83
CA ALA A 441 9.21 -4.84 -10.21
C ALA A 441 10.39 -4.63 -9.28
N ALA A 442 10.66 -3.38 -8.92
CA ALA A 442 11.74 -3.11 -7.97
C ALA A 442 11.46 -3.75 -6.63
N PHE A 443 10.20 -3.77 -6.20
CA PHE A 443 9.87 -4.45 -4.95
C PHE A 443 10.25 -5.92 -5.01
N THR A 444 9.88 -6.59 -6.10
CA THR A 444 10.23 -8.01 -6.23
C THR A 444 11.75 -8.19 -6.21
N CYS A 445 12.44 -7.37 -7.00
CA CYS A 445 13.89 -7.48 -7.10
C CYS A 445 14.54 -7.32 -5.74
N ILE A 446 14.16 -6.28 -5.00
CA ILE A 446 14.80 -6.03 -3.71
C ILE A 446 14.43 -7.11 -2.70
N THR A 447 13.20 -7.62 -2.73
CA THR A 447 12.85 -8.70 -1.80
C THR A 447 13.78 -9.89 -2.00
N ILE A 448 13.97 -10.32 -3.25
CA ILE A 448 14.84 -11.47 -3.48
C ILE A 448 16.30 -11.12 -3.21
N TYR A 449 16.71 -9.93 -3.63
CA TYR A 449 18.13 -9.55 -3.59
C TYR A 449 18.62 -9.37 -2.16
N SER A 450 17.83 -8.72 -1.31
CA SER A 450 18.27 -8.47 0.07
C SER A 450 18.51 -9.77 0.81
N SER A 451 17.75 -10.82 0.50
CA SER A 451 17.93 -12.10 1.18
C SER A 451 19.31 -12.71 0.93
N GLU A 452 20.00 -12.26 -0.12
CA GLU A 452 21.29 -12.84 -0.50
C GLU A 452 22.49 -12.01 -0.09
N LEU A 453 22.30 -10.70 0.14
CA LEU A 453 23.42 -9.82 0.42
C LEU A 453 24.06 -10.06 1.79
N PHE A 454 23.44 -10.84 2.66
CA PHE A 454 23.89 -10.95 4.04
C PHE A 454 24.08 -12.41 4.44
N PRO A 455 24.93 -12.67 5.43
CA PRO A 455 25.12 -14.05 5.88
C PRO A 455 23.87 -14.60 6.56
N THR A 456 23.81 -15.93 6.63
CA THR A 456 22.56 -16.59 7.00
C THR A 456 22.07 -16.18 8.38
N VAL A 457 22.99 -15.91 9.32
CA VAL A 457 22.58 -15.53 10.68
C VAL A 457 21.91 -14.17 10.68
N LEU A 458 22.54 -13.18 10.03
CA LEU A 458 22.03 -11.82 10.01
C LEU A 458 20.91 -11.62 9.01
N ARG A 459 20.66 -12.58 8.13
CA ARG A 459 19.76 -12.37 7.00
C ARG A 459 18.42 -11.78 7.46
N MET A 460 17.78 -12.43 8.43
CA MET A 460 16.43 -12.02 8.81
C MET A 460 16.43 -10.66 9.49
N THR A 461 17.44 -10.36 10.30
CA THR A 461 17.50 -9.06 10.96
C THR A 461 17.76 -7.94 9.96
N ALA A 462 18.62 -8.19 8.97
CA ALA A 462 18.84 -7.20 7.91
C ALA A 462 17.56 -6.96 7.12
N VAL A 463 16.80 -8.03 6.82
CA VAL A 463 15.52 -7.85 6.15
C VAL A 463 14.57 -7.05 7.02
N GLY A 464 14.62 -7.26 8.34
CA GLY A 464 13.81 -6.46 9.24
C GLY A 464 14.14 -4.98 9.15
N LEU A 465 15.44 -4.66 9.16
CA LEU A 465 15.86 -3.27 8.98
C LEU A 465 15.30 -2.72 7.68
N GLY A 466 15.40 -3.49 6.60
CA GLY A 466 14.90 -3.02 5.31
C GLY A 466 13.41 -2.73 5.35
N GLN A 467 12.63 -3.65 5.90
CA GLN A 467 11.18 -3.47 5.95
C GLN A 467 10.81 -2.25 6.79
N MET A 468 11.48 -2.07 7.93
CA MET A 468 11.19 -0.91 8.76
C MET A 468 11.53 0.38 8.03
N ALA A 469 12.61 0.37 7.24
CA ALA A 469 12.94 1.55 6.43
C ALA A 469 11.87 1.80 5.39
N ALA A 470 11.34 0.75 4.77
CA ALA A 470 10.29 0.92 3.77
C ALA A 470 9.06 1.55 4.40
N ARG A 471 8.66 1.09 5.58
CA ARG A 471 7.50 1.68 6.25
C ARG A 471 7.77 3.12 6.65
N GLY A 472 8.98 3.40 7.15
CA GLY A 472 9.33 4.78 7.47
C GLY A 472 9.20 5.72 6.29
N GLY A 473 9.71 5.29 5.13
CA GLY A 473 9.57 6.11 3.93
C GLY A 473 8.13 6.24 3.48
N ALA A 474 7.35 5.16 3.60
CA ALA A 474 5.94 5.25 3.26
C ALA A 474 5.24 6.32 4.09
N ILE A 475 5.61 6.43 5.37
CA ILE A 475 4.98 7.45 6.21
C ILE A 475 5.25 8.84 5.65
N LEU A 476 6.48 9.09 5.22
CA LEU A 476 6.81 10.39 4.63
C LEU A 476 6.19 10.58 3.26
N GLY A 477 5.80 9.51 2.59
CA GLY A 477 5.22 9.62 1.27
C GLY A 477 4.16 10.69 1.17
N PRO A 478 3.03 10.50 1.88
CA PRO A 478 1.94 11.48 1.77
C PRO A 478 2.33 12.90 2.14
N LEU A 479 3.17 13.09 3.18
CA LEU A 479 3.50 14.45 3.60
C LEU A 479 4.14 15.25 2.47
N VAL A 480 4.82 14.57 1.54
CA VAL A 480 5.44 15.28 0.42
C VAL A 480 4.38 16.02 -0.39
N ARG A 481 3.15 15.52 -0.43
CA ARG A 481 2.11 16.19 -1.21
C ARG A 481 1.79 17.56 -0.65
N LEU A 482 2.01 17.79 0.65
CA LEU A 482 1.73 19.10 1.22
C LEU A 482 2.51 20.19 0.53
N LEU A 483 3.68 19.87 -0.02
CA LEU A 483 4.47 20.84 -0.78
C LEU A 483 3.79 21.26 -2.07
N GLY A 484 2.75 20.54 -2.50
CA GLY A 484 2.10 20.84 -3.76
C GLY A 484 1.45 22.20 -3.84
N VAL A 485 1.25 22.87 -2.71
CA VAL A 485 0.68 24.21 -2.74
C VAL A 485 1.56 25.13 -3.56
N HIS A 486 2.87 24.89 -3.58
CA HIS A 486 3.80 25.69 -4.36
C HIS A 486 3.87 25.23 -5.82
N GLY A 487 3.11 24.21 -6.20
CA GLY A 487 3.07 23.76 -7.58
C GLY A 487 3.10 22.25 -7.69
N PRO A 488 2.60 21.72 -8.81
CA PRO A 488 2.61 20.25 -8.98
C PRO A 488 3.97 19.69 -9.35
N TRP A 489 4.83 20.48 -9.98
CA TRP A 489 6.13 19.94 -10.40
C TRP A 489 7.01 19.60 -9.21
N LEU A 490 6.86 20.32 -8.09
CA LEU A 490 7.73 20.06 -6.95
C LEU A 490 7.44 18.70 -6.31
N PRO A 491 6.20 18.35 -5.96
CA PRO A 491 6.00 17.00 -5.38
C PRO A 491 6.40 15.88 -6.32
N LEU A 492 6.04 15.97 -7.60
CA LEU A 492 6.38 14.89 -8.53
C LEU A 492 7.87 14.82 -8.77
N LEU A 493 8.55 15.96 -8.83
CA LEU A 493 10.00 15.94 -8.97
C LEU A 493 10.66 15.32 -7.75
N VAL A 494 10.15 15.60 -6.55
CA VAL A 494 10.68 14.97 -5.35
C VAL A 494 10.46 13.46 -5.41
N TYR A 495 9.26 13.05 -5.82
CA TYR A 495 8.98 11.63 -5.96
C TYR A 495 9.89 10.96 -6.97
N GLY A 496 10.25 11.66 -8.04
CA GLY A 496 11.06 11.08 -9.10
C GLY A 496 12.54 11.05 -8.83
N THR A 497 13.08 12.09 -8.18
CA THR A 497 14.51 12.17 -7.98
C THR A 497 15.00 11.08 -7.02
N VAL A 498 14.26 10.85 -5.93
CA VAL A 498 14.70 9.88 -4.93
C VAL A 498 14.89 8.48 -5.53
N PRO A 499 13.92 7.92 -6.25
CA PRO A 499 14.13 6.57 -6.79
C PRO A 499 15.26 6.51 -7.80
N VAL A 500 15.48 7.56 -8.61
CA VAL A 500 16.61 7.56 -9.52
C VAL A 500 17.92 7.55 -8.74
N LEU A 501 18.02 8.38 -7.72
CA LEU A 501 19.23 8.42 -6.90
C LEU A 501 19.50 7.06 -6.28
N SER A 502 18.48 6.44 -5.71
CA SER A 502 18.68 5.12 -5.09
C SER A 502 19.02 4.08 -6.16
N GLY A 503 18.48 4.21 -7.36
CA GLY A 503 18.84 3.29 -8.42
C GLY A 503 20.31 3.41 -8.80
N LEU A 504 20.81 4.63 -8.90
CA LEU A 504 22.24 4.81 -9.16
C LEU A 504 23.06 4.22 -8.03
N ALA A 505 22.52 4.19 -6.81
CA ALA A 505 23.20 3.51 -5.71
C ALA A 505 23.10 1.99 -5.86
N ALA A 506 21.94 1.49 -6.27
CA ALA A 506 21.76 0.06 -6.43
C ALA A 506 22.77 -0.52 -7.42
N LEU A 507 23.18 0.27 -8.41
CA LEU A 507 24.17 -0.17 -9.37
C LEU A 507 25.49 -0.57 -8.72
N LEU A 508 25.75 -0.08 -7.51
CA LEU A 508 27.00 -0.36 -6.80
C LEU A 508 26.93 -1.62 -5.93
N LEU A 509 25.77 -2.26 -5.83
CA LEU A 509 25.65 -3.42 -4.97
C LEU A 509 26.42 -4.61 -5.55
N PRO A 510 26.96 -5.48 -4.69
CA PRO A 510 27.68 -6.66 -5.18
C PRO A 510 26.73 -7.68 -5.77
N GLU A 511 27.13 -8.27 -6.88
CA GLU A 511 26.32 -9.30 -7.53
C GLU A 511 26.26 -10.55 -6.67
N THR A 512 25.12 -11.26 -6.76
CA THR A 512 24.92 -12.48 -5.99
C THR A 512 24.41 -13.65 -6.81
N GLN A 513 24.14 -13.48 -8.10
CA GLN A 513 23.87 -14.62 -8.96
C GLN A 513 25.07 -15.55 -8.94
N SER A 514 24.82 -16.85 -9.09
CA SER A 514 25.86 -17.87 -8.93
C SER A 514 26.81 -17.85 -10.14
N LEU A 515 27.51 -16.73 -10.27
CA LEU A 515 28.50 -16.55 -11.33
C LEU A 515 29.80 -17.27 -10.99
C1 NAG B . -34.32 30.78 1.32
C2 NAG B . -34.01 31.32 2.71
C3 NAG B . -35.30 31.57 3.49
C4 NAG B . -36.24 32.45 2.70
C5 NAG B . -36.47 31.84 1.31
C6 NAG B . -37.32 32.72 0.42
C7 NAG B . -31.81 30.39 3.30
C8 NAG B . -31.08 29.38 4.13
N2 NAG B . -33.14 30.41 3.44
O3 NAG B . -34.98 32.18 4.74
O4 NAG B . -37.49 32.56 3.37
O5 NAG B . -35.21 31.67 0.64
O6 NAG B . -38.55 33.04 1.03
O7 NAG B . -31.23 31.15 2.54
C01 A1AIJ C . 5.39 -1.43 3.29
C02 A1AIJ C . 5.63 -2.93 3.19
C03 A1AIJ C . 7.09 -3.20 2.86
C04 A1AIJ C . 5.28 -3.61 4.52
C08 A1AIJ C . 2.92 -2.88 1.97
C09 A1AIJ C . 2.16 -2.74 0.82
C10 A1AIJ C . 0.91 -2.17 0.92
C12 A1AIJ C . 1.11 -1.91 3.18
C13 A1AIJ C . 2.38 -2.46 3.19
C14 A1AIJ C . 2.73 -3.19 -0.52
C15 A1AIJ C . 3.12 -2.24 -1.46
C16 A1AIJ C . 3.64 -2.64 -2.69
C17 A1AIJ C . 3.78 -3.99 -2.96
C18 A1AIJ C . 3.39 -4.95 -2.01
C19 A1AIJ C . 3.52 -6.32 -2.31
C20 A1AIJ C . 3.13 -7.26 -1.37
C21 A1AIJ C . 2.61 -6.87 -0.15
C22 A1AIJ C . 2.48 -5.52 0.13
C23 A1AIJ C . 2.87 -4.55 -0.81
C24 A1AIJ C . 4.35 -4.43 -4.31
N11 A1AIJ C . 0.41 -1.78 2.08
N25 A1AIJ C . 4.78 -4.75 -5.31
O05 A1AIJ C . 4.86 -2.92 5.49
O06 A1AIJ C . 5.41 -4.85 4.65
S07 A1AIJ C . 4.58 -3.61 1.89
#